data_7XWZ
#
_entry.id   7XWZ
#
_cell.length_a   53.848
_cell.length_b   39.119
_cell.length_c   84.157
_cell.angle_alpha   90.000
_cell.angle_beta   97.605
_cell.angle_gamma   90.000
#
_symmetry.space_group_name_H-M   'P 1 21 1'
#
loop_
_entity.id
_entity.type
_entity.pdbx_description
1 polymer Nucleoprotein
2 polymer "RNA (5'-R(*CP*AP*CP*UP*GP*AP*C)-3')"
3 polymer "RNA (5'-R(P*GP*UP*CP*AP*GP*UP*G)-3')"
4 non-polymer 1,2-ETHANEDIOL
5 non-polymer GLYCEROL
6 water water
#
loop_
_entity_poly.entity_id
_entity_poly.type
_entity_poly.pdbx_seq_one_letter_code
_entity_poly.pdbx_strand_id
1 'polypeptide(L)'
;NTASWFTALTQHGKEDLKFPRGQGVPINTNSSPDDQIGYYRRATRRIRGGDGKMKDLSPRWYFYYLGTGPEAGLPYGANK
DGIIWVATEGALNTPKDHIGTRNPANNAAIVLQLPQGTTLPKGFY
;
A,B
2 'polyribonucleotide' CACUGAC C,E
3 'polyribonucleotide' GUCAGUG D,F
#
# COMPACT_ATOMS: atom_id res chain seq x y z
N ASN A 1 13.77 -18.61 -9.44
CA ASN A 1 13.23 -17.22 -9.35
C ASN A 1 12.82 -16.76 -10.77
N THR A 2 11.64 -17.17 -11.21
CA THR A 2 11.20 -17.17 -12.64
C THR A 2 10.04 -16.18 -12.87
N ALA A 3 9.55 -15.47 -11.84
CA ALA A 3 8.27 -14.73 -11.92
C ALA A 3 8.39 -13.32 -11.32
N SER A 4 7.55 -12.40 -11.79
CA SER A 4 7.28 -11.10 -11.13
C SER A 4 6.91 -11.33 -9.67
N TRP A 5 7.30 -10.42 -8.78
CA TRP A 5 6.88 -10.42 -7.36
C TRP A 5 5.37 -10.15 -7.24
N PHE A 6 4.73 -9.66 -8.31
CA PHE A 6 3.35 -9.10 -8.26
C PHE A 6 2.43 -9.83 -9.25
N THR A 7 1.13 -9.83 -8.95
CA THR A 7 0.04 -10.25 -9.86
C THR A 7 0.04 -9.30 -11.07
N ALA A 8 -0.61 -9.72 -12.16
CA ALA A 8 -0.64 -9.00 -13.46
C ALA A 8 -1.61 -7.82 -13.41
N LEU A 9 -1.31 -6.77 -14.17
CA LEU A 9 -2.31 -5.80 -14.68
C LEU A 9 -2.83 -6.35 -16.01
N THR A 10 -4.14 -6.58 -16.10
CA THR A 10 -4.82 -7.19 -17.27
C THR A 10 -5.35 -6.08 -18.18
N GLN A 11 -4.98 -6.12 -19.47
CA GLN A 11 -5.43 -5.14 -20.49
C GLN A 11 -6.77 -5.63 -21.08
N HIS A 12 -7.88 -4.96 -20.78
CA HIS A 12 -9.26 -5.30 -21.26
C HIS A 12 -9.63 -4.46 -22.49
N GLY A 13 -8.87 -3.41 -22.80
CA GLY A 13 -9.12 -2.51 -23.94
C GLY A 13 -7.98 -2.54 -24.94
N LYS A 14 -8.04 -1.65 -25.94
CA LYS A 14 -7.07 -1.58 -27.07
C LYS A 14 -5.87 -0.71 -26.67
N GLU A 15 -5.94 -0.01 -25.54
CA GLU A 15 -4.87 0.89 -25.03
C GLU A 15 -3.81 0.05 -24.30
N ASP A 16 -2.53 0.20 -24.68
CA ASP A 16 -1.37 -0.42 -24.00
C ASP A 16 -1.24 0.19 -22.59
N LEU A 17 -0.62 -0.54 -21.67
CA LEU A 17 -0.27 -0.01 -20.32
C LEU A 17 0.69 1.17 -20.52
N LYS A 18 0.44 2.26 -19.80
CA LYS A 18 1.34 3.44 -19.65
C LYS A 18 0.96 4.16 -18.37
N PHE A 19 1.91 4.88 -17.77
CA PHE A 19 1.71 5.64 -16.51
C PHE A 19 2.34 7.02 -16.64
N PRO A 20 1.72 8.08 -16.06
CA PRO A 20 2.38 9.37 -15.94
C PRO A 20 3.68 9.21 -15.15
N ARG A 21 4.70 10.03 -15.44
CA ARG A 21 5.98 10.05 -14.71
C ARG A 21 5.69 10.17 -13.21
N GLY A 22 6.35 9.34 -12.39
CA GLY A 22 6.16 9.31 -10.94
C GLY A 22 5.18 8.24 -10.48
N GLN A 23 4.37 7.68 -11.40
CA GLN A 23 3.30 6.71 -11.08
C GLN A 23 3.63 5.33 -11.63
N GLY A 24 2.97 4.28 -11.11
CA GLY A 24 2.91 2.95 -11.71
C GLY A 24 3.68 1.90 -10.94
N VAL A 25 4.60 2.29 -10.05
CA VAL A 25 5.40 1.33 -9.25
C VAL A 25 4.50 0.65 -8.24
N PRO A 26 4.33 -0.70 -8.29
CA PRO A 26 3.49 -1.40 -7.33
C PRO A 26 4.06 -1.28 -5.91
N ILE A 27 3.18 -1.15 -4.93
CA ILE A 27 3.57 -0.93 -3.50
C ILE A 27 4.17 -2.24 -2.98
N ASN A 28 5.33 -2.12 -2.32
CA ASN A 28 6.07 -3.22 -1.67
C ASN A 28 6.60 -2.68 -0.34
N THR A 29 5.98 -3.08 0.78
CA THR A 29 6.25 -2.51 2.13
C THR A 29 7.61 -3.00 2.65
N ASN A 30 8.19 -4.05 2.04
CA ASN A 30 9.55 -4.55 2.33
C ASN A 30 10.61 -3.81 1.50
N SER A 31 10.19 -2.91 0.60
CA SER A 31 11.08 -2.12 -0.29
C SER A 31 11.28 -0.72 0.29
N SER A 32 12.35 -0.04 -0.12
N SER A 32 12.37 -0.04 -0.10
CA SER A 32 12.74 1.33 0.34
CA SER A 32 12.74 1.33 0.34
C SER A 32 12.58 2.31 -0.82
C SER A 32 12.55 2.31 -0.81
N PRO A 33 12.55 3.64 -0.56
CA PRO A 33 12.42 4.63 -1.63
C PRO A 33 13.39 4.52 -2.82
N ASP A 34 14.65 4.13 -2.57
CA ASP A 34 15.67 3.90 -3.62
C ASP A 34 15.17 2.87 -4.65
N ASP A 35 14.36 1.90 -4.21
CA ASP A 35 13.99 0.68 -4.98
C ASP A 35 12.85 0.97 -5.98
N GLN A 36 12.12 2.08 -5.86
CA GLN A 36 10.81 2.29 -6.52
C GLN A 36 11.02 2.64 -7.99
N ILE A 37 11.48 1.67 -8.79
CA ILE A 37 11.83 1.88 -10.23
C ILE A 37 11.90 0.51 -10.91
N GLY A 38 11.29 0.40 -12.09
CA GLY A 38 11.29 -0.83 -12.90
C GLY A 38 10.52 -0.66 -14.19
N TYR A 39 10.07 -1.78 -14.76
CA TYR A 39 9.31 -1.85 -16.03
C TYR A 39 8.16 -2.84 -15.87
N TYR A 40 7.07 -2.59 -16.59
CA TYR A 40 6.02 -3.60 -16.91
C TYR A 40 6.37 -4.25 -18.25
N ARG A 41 6.16 -5.56 -18.34
CA ARG A 41 6.38 -6.36 -19.58
C ARG A 41 5.14 -7.21 -19.86
N ARG A 42 4.57 -7.09 -21.06
CA ARG A 42 3.51 -7.99 -21.59
C ARG A 42 4.04 -9.43 -21.59
N ALA A 43 3.24 -10.40 -21.14
CA ALA A 43 3.62 -11.82 -20.97
C ALA A 43 4.22 -12.38 -22.27
N ASP A 56 -9.05 -15.91 -20.10
CA ASP A 56 -9.42 -14.84 -21.09
C ASP A 56 -8.27 -14.62 -22.07
N LEU A 57 -8.52 -13.83 -23.11
CA LEU A 57 -7.56 -13.49 -24.19
C LEU A 57 -6.80 -12.21 -23.85
N SER A 58 -7.29 -11.45 -22.86
CA SER A 58 -6.79 -10.12 -22.40
C SER A 58 -5.29 -10.18 -22.12
N PRO A 59 -4.44 -9.38 -22.81
CA PRO A 59 -3.01 -9.34 -22.51
C PRO A 59 -2.75 -9.00 -21.02
N ARG A 60 -1.79 -9.72 -20.42
CA ARG A 60 -1.35 -9.53 -19.01
C ARG A 60 0.01 -8.81 -19.02
N TRP A 61 0.19 -7.82 -18.15
CA TRP A 61 1.44 -7.05 -17.94
C TRP A 61 1.95 -7.31 -16.52
N TYR A 62 3.26 -7.54 -16.39
CA TYR A 62 3.93 -7.89 -15.11
C TYR A 62 5.03 -6.86 -14.84
N PHE A 63 5.15 -6.45 -13.57
CA PHE A 63 6.19 -5.51 -13.11
C PHE A 63 7.45 -6.29 -12.70
N TYR A 64 8.59 -5.73 -13.04
CA TYR A 64 9.93 -6.24 -12.64
C TYR A 64 10.81 -5.05 -12.28
N TYR A 65 11.48 -5.11 -11.13
CA TYR A 65 12.40 -4.03 -10.66
C TYR A 65 13.52 -3.88 -11.70
N LEU A 66 14.01 -2.65 -11.86
CA LEU A 66 15.18 -2.32 -12.72
C LEU A 66 16.30 -3.31 -12.43
N GLY A 67 16.94 -3.84 -13.47
CA GLY A 67 18.08 -4.77 -13.37
C GLY A 67 17.66 -6.19 -12.99
N THR A 68 16.38 -6.53 -13.15
CA THR A 68 15.82 -7.88 -12.81
C THR A 68 14.90 -8.34 -13.95
N GLY A 69 14.60 -9.65 -13.97
CA GLY A 69 13.59 -10.25 -14.85
C GLY A 69 14.07 -10.34 -16.31
N PRO A 70 13.15 -10.64 -17.26
CA PRO A 70 13.50 -10.80 -18.66
C PRO A 70 14.42 -9.71 -19.23
N GLU A 71 14.16 -8.44 -18.87
CA GLU A 71 14.92 -7.28 -19.42
C GLU A 71 15.83 -6.69 -18.34
N ALA A 72 16.41 -7.55 -17.49
CA ALA A 72 17.42 -7.16 -16.47
C ALA A 72 18.56 -6.37 -17.12
N GLY A 73 18.88 -6.66 -18.39
CA GLY A 73 19.99 -6.03 -19.14
C GLY A 73 19.67 -4.63 -19.65
N LEU A 74 18.38 -4.26 -19.76
CA LEU A 74 17.97 -2.93 -20.28
C LEU A 74 18.25 -1.86 -19.22
N PRO A 75 18.83 -0.71 -19.61
CA PRO A 75 18.86 0.47 -18.73
C PRO A 75 17.50 1.17 -18.78
N TYR A 76 17.20 2.00 -17.78
CA TYR A 76 15.90 2.71 -17.66
C TYR A 76 15.69 3.64 -18.86
N GLY A 77 14.48 3.64 -19.43
CA GLY A 77 14.08 4.53 -20.54
C GLY A 77 14.33 3.91 -21.90
N ALA A 78 15.13 2.85 -22.00
CA ALA A 78 15.50 2.18 -23.27
C ALA A 78 14.24 1.65 -23.95
N ASN A 79 13.92 2.18 -25.14
CA ASN A 79 12.68 1.85 -25.89
C ASN A 79 12.74 0.39 -26.36
N LYS A 80 11.69 -0.38 -26.06
CA LYS A 80 11.40 -1.70 -26.65
C LYS A 80 9.88 -1.90 -26.61
N ASP A 81 9.32 -2.52 -27.65
CA ASP A 81 7.86 -2.78 -27.78
C ASP A 81 7.43 -3.74 -26.66
N GLY A 82 6.31 -3.44 -25.99
CA GLY A 82 5.74 -4.22 -24.89
C GLY A 82 6.48 -4.03 -23.57
N ILE A 83 7.30 -2.97 -23.46
CA ILE A 83 8.06 -2.62 -22.22
C ILE A 83 7.70 -1.17 -21.83
N ILE A 84 7.20 -0.99 -20.60
CA ILE A 84 6.78 0.33 -20.04
C ILE A 84 7.60 0.62 -18.78
N TRP A 85 8.20 1.81 -18.71
CA TRP A 85 9.13 2.24 -17.63
C TRP A 85 8.37 3.10 -16.60
N VAL A 86 8.56 2.80 -15.31
CA VAL A 86 7.97 3.57 -14.18
C VAL A 86 9.03 3.78 -13.10
N ALA A 87 8.90 4.86 -12.34
CA ALA A 87 9.76 5.20 -11.19
C ALA A 87 9.04 6.20 -10.29
N THR A 88 9.06 5.96 -8.98
CA THR A 88 8.61 6.93 -7.95
C THR A 88 9.74 7.94 -7.75
N GLU A 89 9.40 9.22 -7.58
CA GLU A 89 10.38 10.30 -7.29
C GLU A 89 11.31 9.82 -6.16
N GLY A 90 12.62 10.02 -6.32
CA GLY A 90 13.64 9.68 -5.30
C GLY A 90 14.28 8.32 -5.51
N ALA A 91 13.82 7.56 -6.50
CA ALA A 91 14.34 6.21 -6.83
C ALA A 91 15.74 6.32 -7.44
N LEU A 92 16.60 5.34 -7.16
CA LEU A 92 18.01 5.29 -7.66
C LEU A 92 18.08 4.41 -8.91
N ASN A 93 18.73 4.91 -9.97
CA ASN A 93 18.99 4.18 -11.24
C ASN A 93 20.11 3.15 -11.01
N THR A 94 19.83 2.10 -10.23
CA THR A 94 20.75 0.97 -9.95
C THR A 94 19.99 -0.35 -10.03
N PRO A 95 20.68 -1.48 -10.36
CA PRO A 95 20.03 -2.79 -10.38
C PRO A 95 19.56 -3.22 -8.98
N LYS A 96 18.35 -3.75 -8.86
CA LYS A 96 17.74 -4.18 -7.57
C LYS A 96 18.05 -5.67 -7.36
N ASP A 97 19.33 -6.01 -7.24
CA ASP A 97 19.85 -7.39 -7.02
C ASP A 97 19.31 -7.94 -5.70
N HIS A 98 19.21 -7.10 -4.67
CA HIS A 98 18.80 -7.49 -3.29
C HIS A 98 17.30 -7.90 -3.26
N ILE A 99 16.49 -7.46 -4.23
CA ILE A 99 15.05 -7.84 -4.35
C ILE A 99 14.91 -8.99 -5.34
N GLY A 100 15.46 -8.83 -6.55
CA GLY A 100 15.47 -9.86 -7.60
C GLY A 100 14.07 -10.23 -8.05
N THR A 101 13.84 -11.51 -8.37
CA THR A 101 12.54 -12.04 -8.87
C THR A 101 12.03 -13.09 -7.88
N ARG A 102 10.83 -13.62 -8.13
CA ARG A 102 10.06 -14.46 -7.17
C ARG A 102 10.20 -15.94 -7.57
N ASN A 103 10.50 -16.80 -6.60
CA ASN A 103 10.41 -18.28 -6.75
C ASN A 103 8.97 -18.69 -6.42
N PRO A 104 8.17 -19.09 -7.43
CA PRO A 104 6.75 -19.38 -7.21
C PRO A 104 6.51 -20.61 -6.31
N ALA A 105 7.50 -21.51 -6.21
CA ALA A 105 7.48 -22.69 -5.31
C ALA A 105 7.61 -22.23 -3.85
N ASN A 106 8.35 -21.13 -3.62
CA ASN A 106 8.70 -20.63 -2.26
C ASN A 106 7.80 -19.45 -1.85
N ASN A 107 7.31 -18.66 -2.80
CA ASN A 107 6.63 -17.35 -2.52
C ASN A 107 5.40 -17.16 -3.40
N ALA A 108 4.29 -16.74 -2.78
CA ALA A 108 3.06 -16.29 -3.45
C ALA A 108 3.28 -14.87 -4.00
N ALA A 109 2.66 -14.56 -5.14
CA ALA A 109 2.67 -13.21 -5.76
C ALA A 109 2.06 -12.21 -4.78
N ILE A 110 2.68 -11.04 -4.61
CA ILE A 110 2.08 -9.86 -3.94
C ILE A 110 0.94 -9.37 -4.86
N VAL A 111 -0.24 -9.14 -4.30
CA VAL A 111 -1.38 -8.53 -5.05
C VAL A 111 -0.89 -7.14 -5.49
N LEU A 112 -0.93 -6.86 -6.79
CA LEU A 112 -0.46 -5.56 -7.33
C LEU A 112 -1.41 -4.47 -6.83
N GLN A 113 -0.86 -3.50 -6.10
CA GLN A 113 -1.63 -2.38 -5.50
C GLN A 113 -0.91 -1.08 -5.86
N LEU A 114 -1.66 -0.12 -6.40
CA LEU A 114 -1.18 1.26 -6.70
C LEU A 114 -1.85 2.23 -5.74
N PRO A 115 -1.14 3.29 -5.30
CA PRO A 115 -1.67 4.22 -4.32
C PRO A 115 -2.81 5.10 -4.87
N GLN A 116 -3.62 5.64 -3.96
CA GLN A 116 -4.68 6.66 -4.23
C GLN A 116 -4.09 7.77 -5.10
N GLY A 117 -4.80 8.16 -6.17
CA GLY A 117 -4.42 9.27 -7.07
C GLY A 117 -3.63 8.81 -8.29
N THR A 118 -3.43 7.49 -8.45
CA THR A 118 -2.73 6.88 -9.61
C THR A 118 -3.70 6.85 -10.82
N THR A 119 -3.27 7.39 -11.95
CA THR A 119 -3.99 7.34 -13.25
C THR A 119 -3.77 5.97 -13.90
N LEU A 120 -4.83 5.16 -14.00
CA LEU A 120 -4.83 3.88 -14.75
C LEU A 120 -5.42 4.14 -16.13
N PRO A 121 -4.80 3.67 -17.24
CA PRO A 121 -5.36 3.87 -18.57
C PRO A 121 -6.68 3.11 -18.74
N LYS A 122 -7.51 3.53 -19.70
CA LYS A 122 -8.78 2.84 -20.07
C LYS A 122 -8.49 1.34 -20.29
N GLY A 123 -9.32 0.48 -19.69
CA GLY A 123 -9.29 -0.98 -19.90
C GLY A 123 -8.43 -1.72 -18.88
N PHE A 124 -7.94 -1.03 -17.84
CA PHE A 124 -7.12 -1.63 -16.76
C PHE A 124 -7.86 -1.52 -15.42
N ASN B 1 8.19 0.32 23.37
CA ASN B 1 6.81 0.88 23.52
C ASN B 1 5.90 0.28 22.42
N THR B 2 4.58 0.50 22.54
CA THR B 2 3.53 0.09 21.57
C THR B 2 3.23 1.26 20.62
N ALA B 3 3.06 0.97 19.33
CA ALA B 3 2.79 1.97 18.27
C ALA B 3 2.14 1.29 17.06
N SER B 4 1.40 2.07 16.27
CA SER B 4 0.86 1.67 14.95
C SER B 4 2.01 1.27 14.03
N TRP B 5 1.80 0.23 13.21
CA TRP B 5 2.73 -0.19 12.13
C TRP B 5 2.86 0.92 11.08
N PHE B 6 1.90 1.85 11.02
CA PHE B 6 1.74 2.83 9.92
C PHE B 6 1.80 4.27 10.46
N THR B 7 2.27 5.18 9.61
CA THR B 7 2.22 6.65 9.84
C THR B 7 0.74 7.06 9.96
N ALA B 8 0.48 8.28 10.44
CA ALA B 8 -0.88 8.75 10.78
C ALA B 8 -1.53 9.41 9.56
N LEU B 9 -2.85 9.41 9.52
CA LEU B 9 -3.65 10.34 8.67
C LEU B 9 -3.95 11.58 9.52
N THR B 10 -3.46 12.74 9.09
CA THR B 10 -3.69 14.04 9.78
C THR B 10 -5.02 14.62 9.30
N GLN B 11 -5.92 14.90 10.25
CA GLN B 11 -7.24 15.56 10.02
C GLN B 11 -7.00 17.08 10.02
N HIS B 12 -6.96 17.70 8.83
CA HIS B 12 -6.69 19.15 8.63
C HIS B 12 -8.00 19.95 8.75
N GLY B 13 -9.16 19.28 8.71
CA GLY B 13 -10.49 19.92 8.77
C GLY B 13 -11.27 19.51 10.02
N LYS B 14 -12.55 19.91 10.08
CA LYS B 14 -13.48 19.61 11.21
C LYS B 14 -14.10 18.23 11.01
N GLU B 15 -14.02 17.68 9.79
CA GLU B 15 -14.55 16.34 9.41
C GLU B 15 -13.72 15.24 10.07
N ASP B 16 -14.35 14.36 10.85
CA ASP B 16 -13.76 13.09 11.37
C ASP B 16 -13.34 12.19 10.21
N LEU B 17 -12.36 11.31 10.43
CA LEU B 17 -12.03 10.23 9.47
C LEU B 17 -13.25 9.31 9.36
N LYS B 18 -13.56 8.89 8.12
CA LYS B 18 -14.62 7.90 7.79
C LYS B 18 -14.26 7.27 6.44
N PHE B 19 -14.84 6.12 6.15
CA PHE B 19 -14.69 5.40 4.85
C PHE B 19 -16.01 4.73 4.51
N PRO B 20 -16.33 4.57 3.21
CA PRO B 20 -17.31 3.58 2.78
C PRO B 20 -16.91 2.19 3.27
N ARG B 21 -17.87 1.34 3.64
CA ARG B 21 -17.61 -0.09 3.99
C ARG B 21 -16.74 -0.69 2.88
N GLY B 22 -15.67 -1.40 3.23
CA GLY B 22 -14.74 -2.02 2.26
C GLY B 22 -13.43 -1.25 2.12
N GLN B 23 -13.46 0.07 2.37
CA GLN B 23 -12.29 0.96 2.21
C GLN B 23 -11.65 1.24 3.57
N GLY B 24 -10.40 1.74 3.57
CA GLY B 24 -9.75 2.31 4.76
C GLY B 24 -8.51 1.56 5.21
N VAL B 25 -8.42 0.25 4.92
CA VAL B 25 -7.32 -0.61 5.45
C VAL B 25 -6.02 -0.21 4.75
N PRO B 26 -5.00 0.26 5.50
CA PRO B 26 -3.69 0.52 4.91
C PRO B 26 -3.13 -0.70 4.17
N ILE B 27 -2.29 -0.46 3.16
CA ILE B 27 -1.62 -1.51 2.35
C ILE B 27 -0.46 -2.07 3.19
N ASN B 28 -0.41 -3.40 3.32
CA ASN B 28 0.64 -4.14 4.06
C ASN B 28 0.87 -5.48 3.33
N THR B 29 1.90 -5.53 2.49
CA THR B 29 2.17 -6.67 1.57
C THR B 29 2.69 -7.87 2.38
N ASN B 30 2.99 -7.70 3.67
CA ASN B 30 3.34 -8.80 4.61
C ASN B 30 2.08 -9.36 5.29
N SER B 31 0.88 -9.05 4.80
CA SER B 31 -0.41 -9.51 5.36
C SER B 31 -1.23 -10.25 4.30
N SER B 32 -2.22 -11.03 4.73
CA SER B 32 -3.11 -11.87 3.88
C SER B 32 -4.51 -11.24 3.82
N PRO B 33 -5.36 -11.63 2.85
CA PRO B 33 -6.74 -11.14 2.79
C PRO B 33 -7.51 -11.28 4.11
N ASP B 34 -7.22 -12.33 4.88
CA ASP B 34 -7.82 -12.62 6.20
C ASP B 34 -7.54 -11.47 7.18
N ASP B 35 -6.42 -10.76 7.03
CA ASP B 35 -5.85 -9.80 8.01
C ASP B 35 -6.45 -8.40 7.83
N GLN B 36 -7.14 -8.13 6.72
CA GLN B 36 -7.48 -6.75 6.25
C GLN B 36 -8.66 -6.19 7.05
N ILE B 37 -8.46 -5.92 8.33
CA ILE B 37 -9.53 -5.46 9.27
C ILE B 37 -8.88 -4.80 10.49
N GLY B 38 -9.49 -3.73 11.00
CA GLY B 38 -8.97 -3.00 12.17
C GLY B 38 -9.74 -1.73 12.45
N TYR B 39 -9.11 -0.81 13.19
CA TYR B 39 -9.70 0.50 13.57
C TYR B 39 -8.63 1.59 13.40
N TYR B 40 -9.08 2.79 13.08
CA TYR B 40 -8.30 4.05 13.28
C TYR B 40 -8.66 4.61 14.67
N ARG B 41 -7.63 4.96 15.44
CA ARG B 41 -7.77 5.59 16.77
C ARG B 41 -7.29 7.04 16.67
N ARG B 42 -8.16 8.01 16.96
CA ARG B 42 -7.82 9.45 16.96
C ARG B 42 -6.94 9.75 18.18
N ALA B 43 -5.83 10.47 17.97
CA ALA B 43 -4.96 11.01 19.04
C ALA B 43 -4.82 12.51 18.79
N THR B 44 -5.30 13.34 19.71
CA THR B 44 -5.28 14.82 19.61
C THR B 44 -4.32 15.37 20.67
N ARG B 45 -3.25 16.04 20.23
CA ARG B 45 -2.27 16.74 21.11
C ARG B 45 -2.90 18.08 21.55
N ARG B 46 -3.11 18.24 22.85
CA ARG B 46 -3.65 19.49 23.46
C ARG B 46 -2.48 20.40 23.86
N ILE B 47 -2.54 21.66 23.45
CA ILE B 47 -1.53 22.72 23.78
C ILE B 47 -2.25 23.92 24.41
N ARG B 48 -1.67 24.48 25.46
CA ARG B 48 -2.19 25.69 26.17
C ARG B 48 -1.93 26.92 25.29
N GLY B 49 -2.94 27.78 25.13
CA GLY B 49 -2.89 28.99 24.29
C GLY B 49 -2.25 30.15 25.02
N GLY B 50 -1.54 31.02 24.29
CA GLY B 50 -0.80 32.18 24.83
C GLY B 50 -1.72 33.36 25.08
N LYS B 55 -5.80 24.90 23.23
CA LYS B 55 -6.24 24.67 21.83
C LYS B 55 -5.67 23.34 21.32
N ASP B 56 -6.50 22.53 20.66
CA ASP B 56 -6.11 21.25 20.01
C ASP B 56 -5.29 21.55 18.75
N LEU B 57 -4.23 20.78 18.51
CA LEU B 57 -3.57 20.67 17.18
C LEU B 57 -4.46 19.82 16.27
N SER B 58 -4.09 19.69 14.99
CA SER B 58 -4.77 18.78 14.03
C SER B 58 -4.78 17.37 14.61
N PRO B 59 -5.97 16.75 14.79
CA PRO B 59 -6.04 15.33 15.17
C PRO B 59 -5.28 14.43 14.19
N ARG B 60 -4.62 13.40 14.72
CA ARG B 60 -3.94 12.34 13.92
C ARG B 60 -4.63 11.01 14.20
N TRP B 61 -4.89 10.23 13.16
CA TRP B 61 -5.61 8.92 13.22
C TRP B 61 -4.64 7.79 12.89
N TYR B 62 -4.40 6.91 13.87
CA TYR B 62 -3.46 5.76 13.77
C TYR B 62 -4.28 4.49 13.55
N PHE B 63 -3.83 3.63 12.64
CA PHE B 63 -4.47 2.33 12.34
C PHE B 63 -3.84 1.22 13.18
N TYR B 64 -4.69 0.31 13.66
CA TYR B 64 -4.31 -0.92 14.39
C TYR B 64 -5.22 -2.07 13.94
N TYR B 65 -4.62 -3.23 13.70
CA TYR B 65 -5.34 -4.46 13.28
C TYR B 65 -6.27 -4.90 14.42
N LEU B 66 -7.41 -5.49 14.07
CA LEU B 66 -8.40 -6.02 15.03
C LEU B 66 -7.66 -6.82 16.12
N GLY B 67 -8.02 -6.60 17.38
CA GLY B 67 -7.45 -7.31 18.54
C GLY B 67 -6.01 -6.93 18.82
N THR B 68 -5.55 -5.76 18.36
CA THR B 68 -4.19 -5.22 18.66
C THR B 68 -4.31 -3.76 19.12
N GLY B 69 -3.26 -3.24 19.76
CA GLY B 69 -3.15 -1.83 20.16
C GLY B 69 -4.02 -1.48 21.35
N PRO B 70 -4.24 -0.16 21.60
CA PRO B 70 -5.00 0.30 22.77
C PRO B 70 -6.41 -0.28 22.95
N GLU B 71 -7.09 -0.59 21.84
CA GLU B 71 -8.47 -1.13 21.84
C GLU B 71 -8.43 -2.58 21.33
N ALA B 72 -7.41 -3.35 21.73
CA ALA B 72 -7.29 -4.79 21.43
C ALA B 72 -8.51 -5.53 21.99
N GLY B 73 -9.07 -5.03 23.10
CA GLY B 73 -10.23 -5.64 23.80
C GLY B 73 -11.56 -5.36 23.11
N LEU B 74 -11.63 -4.34 22.25
CA LEU B 74 -12.90 -3.93 21.58
C LEU B 74 -13.20 -4.89 20.43
N PRO B 75 -14.44 -5.42 20.32
CA PRO B 75 -14.87 -6.17 19.14
C PRO B 75 -15.12 -5.22 17.96
N TYR B 76 -15.09 -5.77 16.74
CA TYR B 76 -15.35 -5.02 15.49
C TYR B 76 -16.74 -4.39 15.54
N GLY B 77 -16.82 -3.08 15.27
CA GLY B 77 -18.09 -2.32 15.22
C GLY B 77 -18.46 -1.68 16.55
N ALA B 78 -17.69 -1.95 17.61
CA ALA B 78 -17.89 -1.35 18.96
C ALA B 78 -17.94 0.18 18.82
N ASN B 79 -19.07 0.79 19.19
CA ASN B 79 -19.27 2.26 19.15
C ASN B 79 -18.42 2.87 20.27
N LYS B 80 -17.47 3.74 19.93
CA LYS B 80 -16.64 4.51 20.89
C LYS B 80 -16.10 5.76 20.19
N ASP B 81 -16.09 6.90 20.87
CA ASP B 81 -15.64 8.20 20.28
C ASP B 81 -14.14 8.09 19.97
N GLY B 82 -13.73 8.57 18.79
CA GLY B 82 -12.32 8.54 18.34
C GLY B 82 -11.91 7.18 17.81
N ILE B 83 -12.86 6.27 17.59
CA ILE B 83 -12.63 4.92 16.99
C ILE B 83 -13.51 4.78 15.75
N ILE B 84 -12.88 4.48 14.61
CA ILE B 84 -13.55 4.13 13.32
CA ILE B 84 -13.63 4.09 13.37
C ILE B 84 -13.11 2.72 12.93
N TRP B 85 -14.03 1.86 12.51
CA TRP B 85 -13.76 0.46 12.09
C TRP B 85 -13.73 0.38 10.57
N VAL B 86 -12.75 -0.34 10.03
CA VAL B 86 -12.54 -0.55 8.57
C VAL B 86 -12.19 -2.02 8.34
N ALA B 87 -12.65 -2.57 7.22
CA ALA B 87 -12.42 -3.97 6.81
C ALA B 87 -12.60 -4.09 5.29
N THR B 88 -11.62 -4.72 4.63
CA THR B 88 -11.72 -5.16 3.22
C THR B 88 -12.69 -6.35 3.19
N GLU B 89 -13.45 -6.49 2.10
CA GLU B 89 -14.22 -7.72 1.79
C GLU B 89 -13.25 -8.91 1.89
N GLY B 90 -13.67 -10.00 2.54
CA GLY B 90 -12.88 -11.23 2.70
C GLY B 90 -12.04 -11.24 3.98
N ALA B 91 -12.05 -10.16 4.76
CA ALA B 91 -11.34 -10.09 6.05
C ALA B 91 -12.08 -10.95 7.09
N LEU B 92 -11.33 -11.62 7.96
CA LEU B 92 -11.89 -12.53 8.99
C LEU B 92 -11.93 -11.81 10.35
N ASN B 93 -13.05 -11.94 11.06
CA ASN B 93 -13.26 -11.35 12.40
C ASN B 93 -12.52 -12.22 13.43
N THR B 94 -11.19 -12.09 13.48
CA THR B 94 -10.28 -12.76 14.45
C THR B 94 -9.23 -11.75 14.89
N PRO B 95 -8.68 -11.87 16.13
CA PRO B 95 -7.55 -11.04 16.54
C PRO B 95 -6.32 -11.33 15.67
N LYS B 96 -5.58 -10.29 15.29
CA LYS B 96 -4.37 -10.38 14.42
C LYS B 96 -3.13 -10.40 15.33
N ASP B 97 -3.00 -11.47 16.12
CA ASP B 97 -1.90 -11.68 17.10
C ASP B 97 -0.58 -11.80 16.34
N HIS B 98 -0.59 -12.46 15.17
CA HIS B 98 0.60 -12.76 14.33
C HIS B 98 1.19 -11.47 13.74
N ILE B 99 0.44 -10.37 13.72
CA ILE B 99 0.94 -9.04 13.24
C ILE B 99 1.30 -8.16 14.45
N GLY B 100 0.42 -8.09 15.44
CA GLY B 100 0.60 -7.30 16.68
C GLY B 100 0.83 -5.83 16.39
N THR B 101 1.56 -5.15 17.28
CA THR B 101 1.90 -3.71 17.18
C THR B 101 3.39 -3.57 16.85
N ARG B 102 3.83 -2.35 16.54
CA ARG B 102 5.22 -2.03 16.13
C ARG B 102 5.99 -1.51 17.34
N ASN B 103 7.21 -2.02 17.53
CA ASN B 103 8.22 -1.50 18.49
C ASN B 103 9.13 -0.53 17.73
N PRO B 104 9.03 0.80 17.98
CA PRO B 104 9.80 1.78 17.22
C PRO B 104 11.32 1.57 17.26
N ALA B 105 11.82 0.87 18.29
CA ALA B 105 13.25 0.54 18.47
C ALA B 105 13.72 -0.45 17.40
N ASN B 106 12.81 -1.26 16.88
CA ASN B 106 13.12 -2.38 15.94
C ASN B 106 12.77 -2.00 14.49
N ASN B 107 11.66 -1.27 14.28
CA ASN B 107 11.10 -1.00 12.92
C ASN B 107 10.65 0.46 12.82
N ALA B 108 10.93 1.11 11.70
CA ALA B 108 10.34 2.40 11.29
C ALA B 108 8.86 2.18 10.94
N ALA B 109 8.05 3.25 10.98
CA ALA B 109 6.64 3.24 10.56
C ALA B 109 6.57 2.99 9.05
N ILE B 110 5.64 2.13 8.62
CA ILE B 110 5.26 1.97 7.18
C ILE B 110 4.47 3.22 6.78
N VAL B 111 4.86 3.89 5.69
CA VAL B 111 4.11 5.04 5.13
C VAL B 111 2.70 4.55 4.78
N LEU B 112 1.67 5.08 5.45
CA LEU B 112 0.27 4.65 5.23
C LEU B 112 -0.13 4.99 3.79
N GLN B 113 -0.37 3.96 2.99
CA GLN B 113 -0.86 4.10 1.59
C GLN B 113 -2.20 3.37 1.49
N LEU B 114 -3.15 3.98 0.79
CA LEU B 114 -4.50 3.43 0.52
C LEU B 114 -4.62 3.15 -0.97
N PRO B 115 -5.27 2.05 -1.39
CA PRO B 115 -5.30 1.68 -2.80
C PRO B 115 -6.07 2.69 -3.66
N GLN B 116 -5.71 2.77 -4.93
CA GLN B 116 -6.39 3.59 -5.97
C GLN B 116 -7.89 3.28 -5.93
N GLY B 117 -8.73 4.32 -6.02
CA GLY B 117 -10.19 4.20 -5.89
C GLY B 117 -10.69 4.64 -4.52
N THR B 118 -9.83 4.61 -3.48
CA THR B 118 -10.22 4.93 -2.08
C THR B 118 -10.66 6.40 -2.03
N THR B 119 -11.77 6.69 -1.35
CA THR B 119 -12.25 8.06 -1.02
C THR B 119 -11.70 8.43 0.36
N LEU B 120 -11.01 9.56 0.46
CA LEU B 120 -10.66 10.22 1.75
C LEU B 120 -11.68 11.31 2.03
N PRO B 121 -12.06 11.57 3.29
CA PRO B 121 -12.91 12.71 3.62
C PRO B 121 -12.19 14.03 3.33
N LYS B 122 -12.96 15.10 3.16
CA LYS B 122 -12.52 16.52 3.23
C LYS B 122 -11.54 16.67 4.40
N GLY B 123 -10.35 17.21 4.14
CA GLY B 123 -9.35 17.56 5.17
C GLY B 123 -8.27 16.49 5.35
N PHE B 124 -8.37 15.37 4.62
CA PHE B 124 -7.31 14.32 4.53
C PHE B 124 -6.76 14.30 3.09
N TYR B 125 -5.45 14.11 2.93
CA TYR B 125 -4.73 14.15 1.63
C TYR B 125 -3.81 12.94 1.49
#